data_7XQ5
#
_entry.id   7XQ5
#
_cell.length_a   97.893
_cell.length_b   97.893
_cell.length_c   89.780
_cell.angle_alpha   90.000
_cell.angle_beta   90.000
_cell.angle_gamma   120.000
#
_symmetry.space_group_name_H-M   'P 31 2 1'
#
loop_
_entity.id
_entity.type
_entity.pdbx_description
1 polymer 'Protein INO4'
2 polymer 'Protein INO2'
3 polymer "DNA (5'-D(P*CP*CP*TP*GP*CP*AP*TP*GP*TP*GP*AP*AP*AP*AP*T)-3')"
4 polymer "DNA (5'-D(*GP*AP*TP*TP*TP*TP*CP*AP*CP*AP*TP*GP*CP*AP*G)-3')"
5 non-polymer HEXANE-1,6-DIOL
6 water water
#
loop_
_entity_poly.entity_id
_entity_poly.type
_entity_poly.pdbx_seq_one_letter_code
_entity_poly.pdbx_strand_id
1 'polypeptide(L)' MKLTDGQIRINHVSSEKKRRELERAIFDELVAVVPDLQPQESRSELIIYLKSLSYLSWLYERNEKLRKQIIAKHE A
2 'polypeptide(L)' DDPVKVRKWKHVQMEKIRRINTKEAFERLIKSVRTPPKENGKRIPKHILLTCVMNDIKSIRSANEALQHILDD B
3 'polydeoxyribonucleotide' (DC)(DC)(DT)(DG)(DC)(DA)(DT)(DG)(DT)(DG)(DA)(DA)(DA)(DA)(DT) C
4 'polydeoxyribonucleotide' (DG)(DA)(DT)(DT)(DT)(DT)(DC)(DA)(DC)(DA)(DT)(DG)(DC)(DA)(DG) D
#
loop_
_chem_comp.id
_chem_comp.type
_chem_comp.name
_chem_comp.formula
DA DNA linking 2'-DEOXYADENOSINE-5'-MONOPHOSPHATE 'C10 H14 N5 O6 P'
DC DNA linking 2'-DEOXYCYTIDINE-5'-MONOPHOSPHATE 'C9 H14 N3 O7 P'
DG DNA linking 2'-DEOXYGUANOSINE-5'-MONOPHOSPHATE 'C10 H14 N5 O7 P'
DT DNA linking THYMIDINE-5'-MONOPHOSPHATE 'C10 H15 N2 O8 P'
HEZ non-polymer HEXANE-1,6-DIOL 'C6 H14 O2'
#
# COMPACT_ATOMS: atom_id res chain seq x y z
N MET A 1 -28.44 -25.90 7.85
CA MET A 1 -29.71 -25.20 7.73
C MET A 1 -29.48 -23.78 7.21
N LYS A 2 -30.52 -23.20 6.58
CA LYS A 2 -30.41 -21.86 6.01
C LYS A 2 -30.16 -20.82 7.10
N LEU A 3 -29.18 -19.94 6.87
CA LEU A 3 -28.89 -18.88 7.82
C LEU A 3 -30.05 -17.90 7.91
N THR A 4 -30.33 -17.41 9.11
CA THR A 4 -31.37 -16.40 9.26
C THR A 4 -30.86 -15.05 8.77
N ASP A 5 -31.79 -14.11 8.59
CA ASP A 5 -31.41 -12.75 8.22
C ASP A 5 -30.42 -12.17 9.22
N GLY A 6 -30.69 -12.33 10.52
CA GLY A 6 -29.79 -11.81 11.53
C GLY A 6 -28.41 -12.43 11.45
N GLN A 7 -28.34 -13.73 11.18
CA GLN A 7 -27.04 -14.39 11.06
C GLN A 7 -26.29 -13.89 9.82
N ILE A 8 -27.00 -13.73 8.71
CA ILE A 8 -26.37 -13.21 7.50
C ILE A 8 -25.80 -11.82 7.74
N ARG A 9 -26.57 -10.96 8.41
CA ARG A 9 -26.16 -9.57 8.57
C ARG A 9 -24.87 -9.46 9.37
N ILE A 10 -24.80 -10.15 10.51
CA ILE A 10 -23.63 -9.94 11.36
C ILE A 10 -22.39 -10.65 10.82
N ASN A 11 -22.56 -11.80 10.12
CA ASN A 11 -21.46 -12.39 9.36
C ASN A 11 -20.91 -11.38 8.36
N HIS A 12 -21.80 -10.66 7.69
CA HIS A 12 -21.40 -9.60 6.76
C HIS A 12 -20.57 -8.53 7.49
N VAL A 13 -21.09 -8.04 8.62
CA VAL A 13 -20.37 -7.02 9.38
C VAL A 13 -18.99 -7.52 9.82
N SER A 14 -18.95 -8.73 10.41
CA SER A 14 -17.67 -9.23 10.90
C SER A 14 -16.68 -9.48 9.77
N SER A 15 -17.17 -9.89 8.60
CA SER A 15 -16.24 -10.10 7.50
C SER A 15 -15.60 -8.79 7.08
N GLU A 16 -16.40 -7.73 7.00
CA GLU A 16 -15.88 -6.40 6.70
C GLU A 16 -14.91 -5.94 7.77
N LYS A 17 -15.32 -6.06 9.03
CA LYS A 17 -14.47 -5.62 10.13
C LYS A 17 -13.12 -6.33 10.11
N LYS A 18 -13.12 -7.65 9.94
CA LYS A 18 -11.85 -8.38 9.95
C LYS A 18 -10.93 -7.93 8.83
N ARG A 19 -11.48 -7.71 7.63
CA ARG A 19 -10.63 -7.26 6.54
C ARG A 19 -10.08 -5.87 6.80
N ARG A 20 -10.89 -4.94 7.35
CA ARG A 20 -10.36 -3.63 7.71
C ARG A 20 -9.25 -3.76 8.74
N GLU A 21 -9.46 -4.60 9.75
CA GLU A 21 -8.42 -4.81 10.75
C GLU A 21 -7.15 -5.38 10.10
N LEU A 22 -7.32 -6.23 9.10
CA LEU A 22 -6.17 -6.78 8.36
C LEU A 22 -5.43 -5.69 7.60
N GLU A 23 -6.18 -4.84 6.90
CA GLU A 23 -5.56 -3.75 6.15
C GLU A 23 -4.83 -2.81 7.09
N ARG A 24 -5.48 -2.43 8.19
CA ARG A 24 -4.87 -1.49 9.12
C ARG A 24 -3.56 -2.03 9.66
N ALA A 25 -3.51 -3.33 9.97
CA ALA A 25 -2.26 -3.91 10.46
C ALA A 25 -1.14 -3.72 9.44
N ILE A 26 -1.47 -3.87 8.15
CA ILE A 26 -0.45 -3.66 7.13
C ILE A 26 -0.08 -2.18 7.04
N PHE A 27 -1.07 -1.29 7.14
CA PHE A 27 -0.74 0.14 7.20
C PHE A 27 0.29 0.39 8.29
N ASP A 28 0.10 -0.20 9.48
CA ASP A 28 1.05 0.03 10.57
C ASP A 28 2.44 -0.52 10.22
N GLU A 29 2.51 -1.66 9.53
CA GLU A 29 3.80 -2.17 9.08
C GLU A 29 4.46 -1.20 8.10
N LEU A 30 3.65 -0.57 7.23
CA LEU A 30 4.22 0.37 6.28
C LEU A 30 4.72 1.63 6.97
N VAL A 31 3.97 2.12 7.98
CA VAL A 31 4.47 3.24 8.78
C VAL A 31 5.83 2.89 9.36
N ALA A 32 5.96 1.67 9.86
CA ALA A 32 7.18 1.29 10.58
C ALA A 32 8.37 1.22 9.64
N VAL A 33 8.17 0.75 8.41
CA VAL A 33 9.31 0.50 7.53
C VAL A 33 9.59 1.63 6.55
N VAL A 34 8.65 2.54 6.32
CA VAL A 34 8.83 3.66 5.40
C VAL A 34 9.30 4.86 6.20
N PRO A 35 10.58 5.26 6.10
CA PRO A 35 11.08 6.35 6.95
C PRO A 35 10.19 7.57 6.99
N ASP A 36 9.80 8.11 5.85
CA ASP A 36 9.06 9.36 5.82
C ASP A 36 7.58 9.21 6.16
N LEU A 37 7.10 7.99 6.40
CA LEU A 37 5.71 7.78 6.75
C LEU A 37 5.60 7.67 8.27
N GLN A 38 4.78 8.54 8.87
CA GLN A 38 4.58 8.92 10.27
C GLN A 38 3.37 8.24 10.88
N PRO A 39 3.44 7.86 12.16
CA PRO A 39 2.28 7.21 12.80
C PRO A 39 1.01 8.02 12.71
N GLN A 40 1.13 9.35 12.69
CA GLN A 40 -0.06 10.18 12.51
C GLN A 40 -0.73 9.94 11.18
N GLU A 41 0.00 9.39 10.20
CA GLU A 41 -0.53 9.12 8.88
C GLU A 41 -0.94 7.66 8.71
N SER A 42 -1.06 6.89 9.79
CA SER A 42 -1.25 5.46 9.67
C SER A 42 -2.64 5.07 9.19
N ARG A 43 -3.58 6.01 9.05
CA ARG A 43 -4.90 5.67 8.54
C ARG A 43 -5.29 6.55 7.35
N SER A 44 -4.32 7.23 6.73
CA SER A 44 -4.53 8.07 5.55
C SER A 44 -4.04 7.28 4.35
N GLU A 45 -4.95 6.55 3.71
CA GLU A 45 -4.53 5.62 2.65
C GLU A 45 -3.77 6.35 1.56
N LEU A 46 -4.30 7.49 1.10
CA LEU A 46 -3.67 8.21 -0.01
C LEU A 46 -2.20 8.47 0.30
N ILE A 47 -1.92 8.93 1.51
CA ILE A 47 -0.54 9.30 1.86
C ILE A 47 0.32 8.06 2.00
N ILE A 48 -0.24 7.00 2.57
CA ILE A 48 0.51 5.75 2.69
C ILE A 48 0.95 5.27 1.31
N TYR A 49 0.04 5.28 0.35
CA TYR A 49 0.38 4.76 -0.97
C TYR A 49 1.41 5.64 -1.65
N LEU A 50 1.25 6.96 -1.58
CA LEU A 50 2.20 7.85 -2.23
C LEU A 50 3.58 7.76 -1.59
N LYS A 51 3.64 7.77 -0.26
CA LYS A 51 4.95 7.71 0.39
C LYS A 51 5.58 6.33 0.22
N SER A 52 4.76 5.28 0.16
CA SER A 52 5.32 3.96 -0.13
C SER A 52 5.91 3.90 -1.53
N LEU A 53 5.17 4.38 -2.54
CA LEU A 53 5.72 4.42 -3.88
C LEU A 53 7.01 5.24 -3.92
N SER A 54 7.02 6.42 -3.26
CA SER A 54 8.27 7.20 -3.21
C SER A 54 9.40 6.38 -2.60
N TYR A 55 9.12 5.64 -1.52
CA TYR A 55 10.19 4.87 -0.88
C TYR A 55 10.69 3.76 -1.79
N LEU A 56 9.78 3.04 -2.44
CA LEU A 56 10.18 2.04 -3.42
C LEU A 56 11.10 2.64 -4.47
N SER A 57 10.71 3.80 -5.03
CA SER A 57 11.53 4.40 -6.07
C SER A 57 12.92 4.70 -5.57
N TRP A 58 13.03 5.25 -4.35
CA TRP A 58 14.33 5.55 -3.78
C TRP A 58 15.12 4.28 -3.53
N LEU A 59 14.46 3.20 -3.11
CA LEU A 59 15.18 1.96 -2.85
C LEU A 59 15.76 1.39 -4.12
N TYR A 60 14.98 1.40 -5.22
CA TYR A 60 15.52 0.98 -6.50
C TYR A 60 16.64 1.90 -6.96
N GLU A 61 16.48 3.21 -6.79
CA GLU A 61 17.54 4.14 -7.15
C GLU A 61 18.81 3.83 -6.38
N ARG A 62 18.70 3.63 -5.07
CA ARG A 62 19.86 3.25 -4.29
C ARG A 62 20.49 1.98 -4.84
N ASN A 63 19.66 1.01 -5.22
CA ASN A 63 20.17 -0.23 -5.77
C ASN A 63 21.01 0.02 -7.03
N GLU A 64 20.50 0.86 -7.93
CA GLU A 64 21.26 1.24 -9.12
C GLU A 64 22.59 1.88 -8.72
N LYS A 65 22.54 2.83 -7.80
CA LYS A 65 23.74 3.57 -7.40
C LYS A 65 24.81 2.65 -6.84
N LEU A 66 24.39 1.64 -6.06
CA LEU A 66 25.36 0.71 -5.49
C LEU A 66 25.96 -0.18 -6.56
N ARG A 67 25.12 -0.72 -7.44
CA ARG A 67 25.62 -1.58 -8.52
C ARG A 67 26.69 -0.87 -9.35
N LYS A 68 26.44 0.40 -9.69
CA LYS A 68 27.43 1.17 -10.42
C LYS A 68 28.70 1.38 -9.60
N GLN A 69 28.57 1.52 -8.27
CA GLN A 69 29.77 1.72 -7.46
C GLN A 69 30.60 0.46 -7.40
N ILE A 70 29.96 -0.71 -7.39
CA ILE A 70 30.69 -1.96 -7.46
C ILE A 70 31.36 -2.13 -8.81
N ILE A 71 30.61 -1.91 -9.88
CA ILE A 71 31.15 -1.89 -11.23
C ILE A 71 32.29 -0.89 -11.37
N ALA A 72 32.34 0.13 -10.50
CA ALA A 72 33.43 1.09 -10.47
C ALA A 72 34.62 0.62 -9.64
N LYS A 73 34.37 -0.03 -8.51
CA LYS A 73 35.48 -0.50 -7.68
C LYS A 73 36.26 -1.61 -8.38
N HIS A 74 35.62 -2.36 -9.27
CA HIS A 74 36.32 -3.31 -10.15
C HIS A 74 36.88 -2.64 -11.40
N GLU A 75 36.67 -1.33 -11.56
CA GLU A 75 37.08 -0.56 -12.74
C GLU A 75 36.56 -1.19 -14.04
N ASP B 1 -32.19 28.03 -1.94
CA ASP B 1 -30.77 27.93 -1.65
C ASP B 1 -30.47 26.69 -0.79
N ASP B 2 -30.87 26.77 0.49
CA ASP B 2 -30.62 25.76 1.51
C ASP B 2 -29.13 25.44 1.60
N PRO B 3 -28.34 26.24 2.33
CA PRO B 3 -26.91 25.93 2.46
C PRO B 3 -26.64 24.61 3.14
N VAL B 4 -27.58 24.10 3.94
CA VAL B 4 -27.38 22.82 4.62
C VAL B 4 -27.34 21.69 3.60
N LYS B 5 -28.28 21.68 2.65
CA LYS B 5 -28.31 20.60 1.67
C LYS B 5 -27.13 20.70 0.71
N VAL B 6 -26.72 21.92 0.35
CA VAL B 6 -25.53 22.07 -0.49
C VAL B 6 -24.31 21.50 0.22
N ARG B 7 -24.14 21.85 1.50
CA ARG B 7 -23.00 21.37 2.25
C ARG B 7 -23.05 19.85 2.39
N LYS B 8 -24.24 19.28 2.57
CA LYS B 8 -24.36 17.82 2.58
C LYS B 8 -23.93 17.23 1.24
N TRP B 9 -24.43 17.80 0.14
CA TRP B 9 -24.05 17.36 -1.20
C TRP B 9 -22.54 17.42 -1.39
N LYS B 10 -21.94 18.57 -1.05
CA LYS B 10 -20.50 18.74 -1.25
C LYS B 10 -19.73 17.67 -0.49
N HIS B 11 -20.18 17.32 0.71
CA HIS B 11 -19.43 16.34 1.50
C HIS B 11 -19.54 14.95 0.90
N VAL B 12 -20.71 14.60 0.37
CA VAL B 12 -20.88 13.31 -0.30
C VAL B 12 -19.93 13.22 -1.49
N GLN B 13 -19.96 14.22 -2.38
CA GLN B 13 -19.16 14.15 -3.60
C GLN B 13 -17.68 14.21 -3.30
N MET B 14 -17.30 15.00 -2.29
CA MET B 14 -15.87 15.10 -2.00
C MET B 14 -15.33 13.82 -1.34
N GLU B 15 -16.19 13.06 -0.66
CA GLU B 15 -15.76 11.74 -0.22
C GLU B 15 -15.52 10.82 -1.41
N LYS B 16 -16.43 10.87 -2.39
CA LYS B 16 -16.22 10.05 -3.58
C LYS B 16 -14.97 10.48 -4.33
N ILE B 17 -14.64 11.77 -4.33
CA ILE B 17 -13.42 12.22 -4.98
C ILE B 17 -12.20 11.78 -4.19
N ARG B 18 -12.26 11.82 -2.85
CA ARG B 18 -11.18 11.25 -2.06
C ARG B 18 -10.96 9.78 -2.39
N ARG B 19 -12.05 9.01 -2.58
CA ARG B 19 -11.88 7.60 -2.94
C ARG B 19 -11.23 7.46 -4.30
N ILE B 20 -11.63 8.30 -5.25
CA ILE B 20 -11.03 8.23 -6.58
C ILE B 20 -9.54 8.52 -6.50
N ASN B 21 -9.16 9.63 -5.84
CA ASN B 21 -7.74 9.94 -5.73
C ASN B 21 -6.98 8.86 -4.99
N THR B 22 -7.60 8.26 -3.96
CA THR B 22 -6.92 7.19 -3.25
C THR B 22 -6.69 5.99 -4.17
N LYS B 23 -7.71 5.61 -4.94
CA LYS B 23 -7.60 4.53 -5.89
C LYS B 23 -6.51 4.79 -6.93
N GLU B 24 -6.44 6.03 -7.45
CA GLU B 24 -5.37 6.37 -8.40
C GLU B 24 -3.99 6.21 -7.77
N ALA B 25 -3.83 6.68 -6.53
CA ALA B 25 -2.53 6.51 -5.89
C ALA B 25 -2.21 5.03 -5.69
N PHE B 26 -3.22 4.24 -5.35
CA PHE B 26 -3.03 2.82 -5.13
C PHE B 26 -2.63 2.11 -6.42
N GLU B 27 -3.31 2.44 -7.52
CA GLU B 27 -2.97 1.81 -8.79
C GLU B 27 -1.56 2.20 -9.24
N ARG B 28 -1.18 3.46 -9.05
CA ARG B 28 0.21 3.84 -9.32
C ARG B 28 1.17 3.01 -8.50
N LEU B 29 0.89 2.87 -7.20
CA LEU B 29 1.77 2.09 -6.35
C LEU B 29 1.86 0.64 -6.81
N ILE B 30 0.72 0.03 -7.11
CA ILE B 30 0.69 -1.39 -7.44
C ILE B 30 1.32 -1.67 -8.80
N LYS B 31 1.27 -0.72 -9.73
CA LYS B 31 1.92 -0.95 -11.02
C LYS B 31 3.43 -1.07 -10.87
N SER B 32 4.00 -0.61 -9.77
CA SER B 32 5.43 -0.74 -9.53
C SER B 32 5.76 -1.87 -8.56
N VAL B 33 4.88 -2.83 -8.39
CA VAL B 33 5.04 -3.87 -7.38
C VAL B 33 4.89 -5.22 -8.06
N ARG B 34 5.78 -6.16 -7.74
CA ARG B 34 5.63 -7.50 -8.30
C ARG B 34 4.38 -8.14 -7.72
N THR B 35 3.36 -8.29 -8.54
CA THR B 35 2.11 -8.85 -8.07
C THR B 35 1.87 -10.23 -8.68
N PRO B 36 1.12 -11.09 -8.00
CA PRO B 36 0.92 -12.45 -8.52
C PRO B 36 0.17 -12.41 -9.84
N PRO B 37 0.45 -13.34 -10.74
CA PRO B 37 -0.34 -13.43 -11.97
C PRO B 37 -1.78 -13.77 -11.68
N LYS B 38 -2.69 -13.08 -12.36
CA LYS B 38 -4.13 -13.34 -12.21
C LYS B 38 -4.50 -14.75 -12.65
N GLU B 39 -4.53 -15.68 -11.72
CA GLU B 39 -5.01 -17.03 -12.01
C GLU B 39 -6.53 -17.02 -12.10
N ASN B 40 -7.04 -17.57 -13.20
CA ASN B 40 -8.47 -17.68 -13.47
C ASN B 40 -9.14 -16.34 -13.70
N GLY B 41 -8.34 -15.29 -13.93
CA GLY B 41 -8.89 -13.96 -14.12
C GLY B 41 -9.56 -13.37 -12.91
N LYS B 42 -9.21 -13.84 -11.71
CA LYS B 42 -9.86 -13.41 -10.49
C LYS B 42 -9.14 -12.18 -9.92
N ARG B 43 -9.92 -11.19 -9.50
CA ARG B 43 -9.32 -9.99 -8.92
C ARG B 43 -8.51 -10.35 -7.69
N ILE B 44 -7.50 -9.54 -7.41
CA ILE B 44 -6.67 -9.71 -6.21
C ILE B 44 -7.13 -8.69 -5.19
N PRO B 45 -7.59 -9.11 -4.01
CA PRO B 45 -8.06 -8.16 -3.01
C PRO B 45 -6.96 -7.19 -2.61
N LYS B 46 -7.37 -5.96 -2.26
CA LYS B 46 -6.42 -4.92 -1.86
C LYS B 46 -5.42 -5.44 -0.84
N HIS B 47 -5.90 -6.14 0.20
CA HIS B 47 -4.98 -6.52 1.26
C HIS B 47 -3.94 -7.52 0.77
N ILE B 48 -4.27 -8.34 -0.22
CA ILE B 48 -3.24 -9.20 -0.79
C ILE B 48 -2.21 -8.34 -1.49
N LEU B 49 -2.67 -7.36 -2.26
CA LEU B 49 -1.75 -6.44 -2.92
C LEU B 49 -0.89 -5.71 -1.90
N LEU B 50 -1.46 -5.35 -0.76
CA LEU B 50 -0.66 -4.62 0.23
C LEU B 50 0.46 -5.49 0.77
N THR B 51 0.20 -6.79 0.94
CA THR B 51 1.27 -7.69 1.35
C THR B 51 2.40 -7.72 0.32
N CYS B 52 2.05 -7.69 -0.96
CA CYS B 52 3.08 -7.63 -2.00
C CYS B 52 3.91 -6.36 -1.87
N VAL B 53 3.26 -5.25 -1.51
CA VAL B 53 4.01 -4.02 -1.26
C VAL B 53 5.05 -4.24 -0.17
N MET B 54 4.60 -4.71 0.99
CA MET B 54 5.54 -4.92 2.10
C MET B 54 6.67 -5.85 1.71
N ASN B 55 6.35 -6.96 1.03
CA ASN B 55 7.38 -7.89 0.56
C ASN B 55 8.40 -7.17 -0.31
N ASP B 56 7.94 -6.45 -1.34
CA ASP B 56 8.86 -5.77 -2.24
C ASP B 56 9.76 -4.80 -1.47
N ILE B 57 9.20 -4.07 -0.51
CA ILE B 57 10.03 -3.16 0.27
C ILE B 57 11.13 -3.93 1.00
N LYS B 58 10.73 -4.95 1.77
CA LYS B 58 11.73 -5.74 2.50
C LYS B 58 12.73 -6.37 1.55
N SER B 59 12.25 -6.90 0.43
CA SER B 59 13.13 -7.62 -0.48
C SER B 59 14.22 -6.70 -1.03
N ILE B 60 13.87 -5.45 -1.36
CA ILE B 60 14.87 -4.57 -1.96
C ILE B 60 15.78 -3.95 -0.89
N ARG B 61 15.28 -3.72 0.33
CA ARG B 61 16.16 -3.30 1.40
C ARG B 61 17.28 -4.31 1.62
N SER B 62 16.92 -5.59 1.64
CA SER B 62 17.91 -6.64 1.83
C SER B 62 18.94 -6.60 0.72
N ALA B 63 18.47 -6.68 -0.53
CA ALA B 63 19.38 -6.62 -1.68
C ALA B 63 20.35 -5.46 -1.55
N ASN B 64 19.86 -4.30 -1.13
CA ASN B 64 20.74 -3.13 -0.98
C ASN B 64 21.77 -3.36 0.13
N GLU B 65 21.37 -3.97 1.24
CA GLU B 65 22.35 -4.24 2.31
C GLU B 65 23.40 -5.23 1.83
N ALA B 66 22.98 -6.30 1.15
CA ALA B 66 23.93 -7.22 0.55
C ALA B 66 24.87 -6.50 -0.41
N LEU B 67 24.32 -5.62 -1.26
CA LEU B 67 25.17 -4.81 -2.13
C LEU B 67 26.13 -3.94 -1.32
N GLN B 68 25.67 -3.41 -0.18
CA GLN B 68 26.52 -2.54 0.60
C GLN B 68 27.73 -3.29 1.15
N HIS B 69 27.50 -4.50 1.67
CA HIS B 69 28.61 -5.30 2.19
C HIS B 69 29.60 -5.65 1.08
N ILE B 70 29.11 -5.95 -0.12
CA ILE B 70 30.01 -6.21 -1.24
C ILE B 70 30.88 -4.98 -1.52
N LEU B 71 30.27 -3.80 -1.49
CA LEU B 71 31.02 -2.55 -1.69
C LEU B 71 32.02 -2.28 -0.58
N ASP B 72 31.80 -2.84 0.61
CA ASP B 72 32.72 -2.70 1.73
C ASP B 72 33.77 -3.81 1.78
N ASP B 73 33.92 -4.58 0.69
CA ASP B 73 34.88 -5.68 0.62
C ASP B 73 35.77 -5.57 -0.62
O1 HEZ E . 12.14 10.22 -0.75
C1 HEZ E . 11.54 8.99 -0.34
C2 HEZ E . 12.40 8.28 0.68
C3 HEZ E . 12.44 9.04 2.01
C4 HEZ E . 13.40 8.44 3.02
C5 HEZ E . 14.73 8.02 2.41
C6 HEZ E . 15.87 8.00 3.40
O6 HEZ E . 16.12 6.66 3.85
O1 HEZ F . -18.24 -2.28 -8.42
C1 HEZ F . -17.09 -2.62 -7.63
C2 HEZ F . -17.37 -3.75 -6.67
C3 HEZ F . -18.78 -4.35 -6.79
C4 HEZ F . -19.77 -3.78 -5.78
C5 HEZ F . -20.96 -3.08 -6.40
C6 HEZ F . -21.62 -1.92 -5.69
O6 HEZ F . -20.56 -1.03 -5.36
O1 HEZ G . -17.15 0.49 -9.51
C1 HEZ G . -18.18 1.45 -9.65
C2 HEZ G . -18.59 2.08 -8.34
C3 HEZ G . -20.05 2.55 -8.12
C4 HEZ G . -21.06 1.42 -8.11
C5 HEZ G . -22.46 1.85 -7.69
C6 HEZ G . -22.64 1.59 -6.22
O6 HEZ G . -23.98 1.90 -5.85
#